data_2P38
#
_entry.id   2P38
#
_cell.length_a   88.492
_cell.length_b   90.284
_cell.length_c   63.347
_cell.angle_alpha   90.00
_cell.angle_beta   134.29
_cell.angle_gamma   90.00
#
_symmetry.space_group_name_H-M   'C 1 2 1'
#
loop_
_entity.id
_entity.type
_entity.pdbx_description
1 polymer 'Protein involved in ribosomal biogenesis'
2 water water
#
_entity_poly.entity_id   1
_entity_poly.type   'polypeptide(L)'
_entity_poly.pdbx_seq_one_letter_code
;MSGELRVRRASSWELDLILKEAEKYGELLHEFFCVVEGKYRDVYAVNEEVWKIIEDINMRPYSLGTFVGTIRVDENLVEK
FYPNLEFFSLIKLEKNYVILGPKASFLFTTGKDAPKEAVREIKWQGSKRVVVLNDLGDIIGIGLINPKSDRRFIKNLKDV
GEFLRR
;
_entity_poly.pdbx_strand_id   A,B
#
# COMPACT_ATOMS: atom_id res chain seq x y z
N LEU A 5 -4.41 -23.96 -2.50
CA LEU A 5 -5.11 -23.14 -3.52
C LEU A 5 -5.55 -23.92 -4.74
N ARG A 6 -6.87 -23.90 -5.01
CA ARG A 6 -7.40 -24.25 -6.31
C ARG A 6 -7.45 -22.92 -7.03
N VAL A 7 -7.18 -22.95 -8.30
CA VAL A 7 -7.22 -21.75 -9.10
C VAL A 7 -8.15 -22.02 -10.23
N ARG A 8 -9.13 -21.15 -10.39
CA ARG A 8 -10.14 -21.36 -11.41
C ARG A 8 -10.58 -20.05 -12.02
N ARG A 9 -11.26 -20.13 -13.17
CA ARG A 9 -11.91 -18.99 -13.76
C ARG A 9 -12.99 -18.55 -12.80
N ALA A 10 -13.29 -17.25 -12.84
CA ALA A 10 -14.29 -16.65 -11.97
C ALA A 10 -15.67 -17.20 -12.35
N SER A 11 -16.51 -17.42 -11.36
CA SER A 11 -17.89 -17.85 -11.60
C SER A 11 -18.67 -16.72 -12.23
N SER A 12 -19.79 -17.04 -12.87
CA SER A 12 -20.69 -16.00 -13.32
C SER A 12 -21.08 -15.06 -12.18
N TRP A 13 -21.33 -15.60 -10.98
CA TRP A 13 -21.68 -14.82 -9.82
C TRP A 13 -20.52 -13.91 -9.43
N GLU A 14 -19.33 -14.48 -9.42
CA GLU A 14 -18.17 -13.74 -9.00
C GLU A 14 -17.93 -12.60 -10.01
N LEU A 15 -18.06 -12.89 -11.29
CA LEU A 15 -17.94 -11.85 -12.32
C LEU A 15 -18.93 -10.73 -12.12
N ASP A 16 -20.13 -11.08 -11.69
CA ASP A 16 -21.15 -10.06 -11.46
C ASP A 16 -20.77 -9.19 -10.26
N LEU A 17 -20.18 -9.79 -9.24
CA LEU A 17 -19.75 -9.04 -8.06
C LEU A 17 -18.63 -8.09 -8.48
N ILE A 18 -17.77 -8.58 -9.36
CA ILE A 18 -16.62 -7.78 -9.79
C ILE A 18 -17.15 -6.67 -10.69
N LEU A 19 -18.05 -7.03 -11.58
CA LEU A 19 -18.66 -6.03 -12.44
C LEU A 19 -19.44 -4.99 -11.68
N LYS A 20 -20.18 -5.39 -10.64
CA LYS A 20 -20.98 -4.47 -9.83
C LYS A 20 -20.06 -3.42 -9.29
N GLU A 21 -18.91 -3.85 -8.81
CA GLU A 21 -17.97 -2.93 -8.23
C GLU A 21 -17.41 -1.97 -9.29
N ALA A 22 -17.00 -2.52 -10.42
CA ALA A 22 -16.39 -1.69 -11.48
C ALA A 22 -17.42 -0.68 -11.98
N GLU A 23 -18.66 -1.13 -12.04
CA GLU A 23 -19.69 -0.27 -12.60
C GLU A 23 -20.15 0.86 -11.69
N LYS A 24 -19.72 0.86 -10.43
CA LYS A 24 -19.87 2.05 -9.65
C LYS A 24 -19.05 3.22 -10.20
N TYR A 25 -18.03 2.91 -10.97
CA TYR A 25 -17.05 3.89 -11.39
C TYR A 25 -16.98 4.09 -12.89
N GLY A 26 -17.33 3.07 -13.64
CA GLY A 26 -17.29 3.19 -15.07
C GLY A 26 -17.37 1.87 -15.75
N GLU A 27 -16.63 1.77 -16.83
CA GLU A 27 -16.76 0.60 -17.67
C GLU A 27 -15.60 -0.29 -17.35
N LEU A 28 -15.89 -1.55 -17.03
CA LEU A 28 -14.83 -2.52 -16.78
C LEU A 28 -14.25 -2.94 -18.13
N LEU A 29 -12.97 -2.63 -18.34
CA LEU A 29 -12.34 -2.81 -19.63
C LEU A 29 -11.75 -4.19 -19.76
N HIS A 30 -11.61 -4.85 -18.62
CA HIS A 30 -11.01 -6.17 -18.61
C HIS A 30 -12.00 -7.27 -18.33
N GLU A 31 -11.92 -8.32 -19.13
CA GLU A 31 -12.99 -9.32 -19.19
C GLU A 31 -12.74 -10.56 -18.35
N PHE A 32 -11.47 -10.91 -18.17
CA PHE A 32 -11.13 -12.26 -17.73
C PHE A 32 -10.56 -12.27 -16.36
N PHE A 33 -11.13 -13.08 -15.48
CA PHE A 33 -10.69 -13.12 -14.12
C PHE A 33 -10.60 -14.55 -13.67
N CYS A 34 -9.66 -14.80 -12.79
CA CYS A 34 -9.56 -16.07 -12.15
C CYS A 34 -9.71 -15.84 -10.70
N VAL A 35 -9.98 -16.92 -9.99
CA VAL A 35 -10.17 -16.86 -8.57
C VAL A 35 -9.25 -17.88 -7.98
N VAL A 36 -8.57 -17.47 -6.93
CA VAL A 36 -7.70 -18.32 -6.16
C VAL A 36 -8.42 -18.54 -4.84
N GLU A 37 -8.90 -19.77 -4.69
CA GLU A 37 -9.61 -20.19 -3.48
C GLU A 37 -8.56 -20.38 -2.41
N GLY A 38 -8.33 -19.35 -1.59
CA GLY A 38 -7.40 -19.43 -0.47
C GLY A 38 -8.26 -19.40 0.79
N LYS A 39 -7.81 -18.72 1.83
CA LYS A 39 -8.65 -18.38 2.99
C LYS A 39 -9.90 -17.66 2.50
N TYR A 40 -9.67 -16.74 1.55
CA TYR A 40 -10.71 -15.99 0.88
C TYR A 40 -10.50 -16.16 -0.59
N ARG A 41 -11.47 -15.73 -1.36
CA ARG A 41 -11.43 -15.89 -2.78
C ARG A 41 -10.69 -14.69 -3.37
N ASP A 42 -9.49 -14.92 -3.88
CA ASP A 42 -8.72 -13.83 -4.43
C ASP A 42 -8.96 -13.71 -5.87
N VAL A 43 -9.12 -12.48 -6.34
CA VAL A 43 -9.47 -12.32 -7.75
C VAL A 43 -8.26 -11.84 -8.53
N TYR A 44 -8.01 -12.48 -9.67
CA TYR A 44 -6.89 -12.06 -10.52
C TYR A 44 -7.43 -11.67 -11.85
N ALA A 45 -6.96 -10.52 -12.34
CA ALA A 45 -7.22 -10.19 -13.71
C ALA A 45 -6.20 -10.96 -14.51
N VAL A 46 -6.67 -11.77 -15.47
CA VAL A 46 -5.78 -12.62 -16.22
C VAL A 46 -5.97 -12.30 -17.68
N ASN A 47 -4.99 -12.62 -18.48
CA ASN A 47 -5.23 -12.39 -19.87
C ASN A 47 -6.11 -13.53 -20.43
N GLU A 48 -6.58 -13.35 -21.64
CA GLU A 48 -7.51 -14.32 -22.25
C GLU A 48 -6.85 -15.67 -22.34
N GLU A 49 -5.56 -15.68 -22.67
CA GLU A 49 -4.86 -16.93 -22.81
C GLU A 49 -4.80 -17.71 -21.51
N VAL A 50 -4.51 -17.02 -20.41
CA VAL A 50 -4.43 -17.66 -19.10
C VAL A 50 -5.84 -18.13 -18.66
N TRP A 51 -6.82 -17.30 -18.95
CA TRP A 51 -8.22 -17.63 -18.67
C TRP A 51 -8.56 -18.96 -19.37
N LYS A 52 -8.11 -19.10 -20.62
CA LYS A 52 -8.34 -20.32 -21.42
C LYS A 52 -7.58 -21.52 -20.87
N ILE A 53 -6.31 -21.29 -20.57
CA ILE A 53 -5.40 -22.30 -20.05
C ILE A 53 -5.87 -22.89 -18.74
N ILE A 54 -6.37 -22.03 -17.86
CA ILE A 54 -6.71 -22.37 -16.49
C ILE A 54 -7.83 -23.44 -16.41
N GLU A 55 -8.51 -23.62 -17.53
CA GLU A 55 -9.52 -24.66 -17.69
C GLU A 55 -8.89 -26.04 -17.57
N ASP A 56 -7.72 -26.21 -18.20
CA ASP A 56 -7.05 -27.51 -18.35
C ASP A 56 -5.93 -27.67 -17.33
N ILE A 57 -5.28 -26.56 -16.99
CA ILE A 57 -4.11 -26.59 -16.11
C ILE A 57 -4.30 -25.66 -14.93
N ASN A 58 -4.18 -26.20 -13.72
CA ASN A 58 -4.05 -25.37 -12.51
C ASN A 58 -2.71 -24.60 -12.71
N MET A 59 -2.67 -23.37 -12.24
CA MET A 59 -1.47 -22.57 -12.36
C MET A 59 -1.42 -21.96 -11.02
N ARG A 60 -0.23 -21.55 -10.58
CA ARG A 60 -0.11 -20.93 -9.30
C ARG A 60 -0.42 -19.43 -9.46
N PRO A 61 -0.80 -18.79 -8.38
CA PRO A 61 -1.13 -17.38 -8.40
C PRO A 61 -0.01 -16.57 -9.04
N TYR A 62 1.25 -16.90 -8.80
CA TYR A 62 2.33 -16.11 -9.40
C TYR A 62 2.43 -16.18 -10.95
N SER A 63 1.66 -17.06 -11.58
CA SER A 63 1.63 -17.20 -13.04
C SER A 63 0.36 -16.61 -13.65
N LEU A 64 -0.56 -16.14 -12.79
CA LEU A 64 -1.90 -15.88 -13.27
C LEU A 64 -2.08 -14.54 -13.98
N GLY A 65 -1.50 -13.51 -13.39
CA GLY A 65 -1.81 -12.16 -13.81
C GLY A 65 -1.83 -11.28 -12.57
N THR A 66 -2.83 -10.41 -12.50
CA THR A 66 -2.77 -9.32 -11.55
C THR A 66 -3.79 -9.51 -10.48
N PHE A 67 -3.33 -9.61 -9.26
CA PHE A 67 -4.23 -9.63 -8.13
C PHE A 67 -4.96 -8.31 -8.00
N VAL A 68 -6.28 -8.36 -8.00
CA VAL A 68 -7.10 -7.15 -8.01
C VAL A 68 -8.07 -7.09 -6.88
N GLY A 69 -8.04 -8.09 -6.00
CA GLY A 69 -8.91 -7.98 -4.85
C GLY A 69 -9.44 -9.31 -4.40
N THR A 70 -10.39 -9.24 -3.48
CA THR A 70 -10.83 -10.43 -2.80
C THR A 70 -12.35 -10.39 -2.68
N ILE A 71 -12.95 -11.55 -2.82
CA ILE A 71 -14.37 -11.68 -2.52
C ILE A 71 -14.56 -12.25 -1.11
N ARG A 72 -15.34 -11.55 -0.29
CA ARG A 72 -15.64 -12.00 1.06
C ARG A 72 -17.08 -11.67 1.31
N VAL A 73 -17.62 -12.31 2.33
CA VAL A 73 -18.96 -11.95 2.79
C VAL A 73 -18.75 -10.89 3.84
N ASP A 74 -19.43 -9.76 3.66
CA ASP A 74 -19.37 -8.62 4.57
C ASP A 74 -20.23 -8.84 5.82
N GLU A 75 -20.42 -7.76 6.59
CA GLU A 75 -21.19 -7.76 7.84
C GLU A 75 -22.65 -8.12 7.63
N ASN A 76 -23.21 -7.75 6.49
CA ASN A 76 -24.62 -7.98 6.23
C ASN A 76 -24.89 -9.32 5.60
N LEU A 77 -23.90 -10.22 5.64
CA LEU A 77 -23.98 -11.53 4.97
C LEU A 77 -24.21 -11.36 3.47
N VAL A 78 -23.58 -10.32 2.92
CA VAL A 78 -23.67 -10.04 1.51
C VAL A 78 -22.26 -10.20 0.94
N GLU A 79 -22.16 -10.96 -0.14
CA GLU A 79 -20.89 -11.27 -0.77
C GLU A 79 -20.53 -9.99 -1.47
N LYS A 80 -19.30 -9.54 -1.27
CA LYS A 80 -18.82 -8.36 -1.98
C LYS A 80 -17.48 -8.66 -2.59
N PHE A 81 -17.20 -8.01 -3.71
CA PHE A 81 -15.84 -7.95 -4.21
C PHE A 81 -15.17 -6.73 -3.59
N TYR A 82 -14.01 -6.94 -3.01
CA TYR A 82 -13.22 -5.86 -2.43
C TYR A 82 -12.02 -5.63 -3.32
N PRO A 83 -12.06 -4.59 -4.13
CA PRO A 83 -10.95 -4.34 -5.05
C PRO A 83 -9.76 -3.77 -4.31
N ASN A 84 -8.57 -4.09 -4.81
CA ASN A 84 -7.42 -3.29 -4.45
C ASN A 84 -7.31 -2.12 -5.47
N LEU A 85 -6.35 -1.23 -5.28
CA LEU A 85 -6.19 -0.11 -6.17
C LEU A 85 -5.94 -0.55 -7.61
N GLU A 86 -5.33 -1.71 -7.76
CA GLU A 86 -4.95 -2.19 -9.08
C GLU A 86 -6.17 -2.51 -9.90
N PHE A 87 -7.24 -2.93 -9.23
CA PHE A 87 -8.44 -3.22 -9.92
C PHE A 87 -8.87 -1.99 -10.72
N PHE A 88 -8.66 -0.81 -10.14
CA PHE A 88 -9.18 0.40 -10.78
C PHE A 88 -8.50 0.75 -12.07
N SER A 89 -7.30 0.23 -12.28
CA SER A 89 -6.65 0.43 -13.55
C SER A 89 -7.40 -0.31 -14.66
N LEU A 90 -8.34 -1.20 -14.31
CA LEU A 90 -9.13 -1.92 -15.30
C LEU A 90 -10.40 -1.20 -15.77
N ILE A 91 -10.62 0.01 -15.29
CA ILE A 91 -11.92 0.64 -15.39
C ILE A 91 -11.68 1.89 -16.20
N LYS A 92 -12.53 2.07 -17.19
CA LYS A 92 -12.61 3.35 -17.86
C LYS A 92 -13.44 4.22 -16.92
N LEU A 93 -12.79 5.16 -16.26
CA LEU A 93 -13.45 5.80 -15.16
C LEU A 93 -14.44 6.85 -15.64
N GLU A 94 -15.64 6.88 -15.08
CA GLU A 94 -16.67 7.76 -15.62
C GLU A 94 -17.35 8.55 -14.52
N LYS A 95 -17.32 8.00 -13.30
CA LYS A 95 -18.09 8.55 -12.17
C LYS A 95 -17.58 8.06 -10.83
N ASN A 96 -18.09 8.72 -9.77
CA ASN A 96 -17.70 8.44 -8.39
C ASN A 96 -16.22 8.60 -8.21
N TYR A 97 -15.76 9.78 -8.61
CA TYR A 97 -14.35 10.11 -8.45
C TYR A 97 -14.25 11.58 -8.09
N VAL A 98 -13.09 11.93 -7.57
CA VAL A 98 -12.82 13.31 -7.27
C VAL A 98 -11.45 13.58 -7.82
N ILE A 99 -11.21 14.83 -8.17
CA ILE A 99 -9.89 15.23 -8.65
C ILE A 99 -9.37 16.21 -7.64
N LEU A 100 -8.13 16.02 -7.21
CA LEU A 100 -7.58 16.85 -6.16
C LEU A 100 -6.54 17.69 -6.83
N GLY A 101 -6.28 18.86 -6.26
CA GLY A 101 -5.11 19.65 -6.60
C GLY A 101 -3.82 18.91 -6.32
N PRO A 102 -2.73 19.43 -6.86
CA PRO A 102 -1.46 18.71 -6.76
C PRO A 102 -0.96 18.62 -5.33
N LYS A 103 -1.16 19.68 -4.52
CA LYS A 103 -0.67 19.64 -3.15
C LYS A 103 -1.42 18.61 -2.36
N ALA A 104 -2.74 18.69 -2.40
CA ALA A 104 -3.60 17.72 -1.73
C ALA A 104 -3.39 16.32 -2.29
N SER A 105 -3.14 16.23 -3.60
CA SER A 105 -2.93 14.92 -4.23
C SER A 105 -1.70 14.32 -3.57
N PHE A 106 -0.63 15.10 -3.55
CA PHE A 106 0.57 14.59 -2.92
C PHE A 106 0.31 14.10 -1.50
N LEU A 107 -0.29 14.98 -0.70
CA LEU A 107 -0.57 14.59 0.67
C LEU A 107 -1.42 13.35 0.75
N PHE A 108 -2.38 13.21 -0.17
CA PHE A 108 -3.22 12.02 -0.18
C PHE A 108 -2.38 10.75 -0.33
N THR A 109 -1.34 10.85 -1.16
CA THR A 109 -0.48 9.68 -1.37
C THR A 109 0.33 9.37 -0.13
N THR A 110 0.43 10.31 0.81
CA THR A 110 1.09 10.03 2.11
C THR A 110 0.13 9.51 3.20
N GLY A 111 -1.13 9.27 2.80
CA GLY A 111 -2.19 8.76 3.66
C GLY A 111 -3.10 9.83 4.25
N LYS A 112 -2.95 11.06 3.79
CA LYS A 112 -3.71 12.16 4.36
C LYS A 112 -5.08 12.19 3.70
N ASP A 113 -6.08 12.62 4.47
CA ASP A 113 -7.38 12.90 3.91
C ASP A 113 -7.26 14.12 3.01
N ALA A 114 -8.30 14.38 2.22
CA ALA A 114 -8.26 15.58 1.43
C ALA A 114 -9.40 16.49 1.92
N PRO A 115 -9.12 17.78 2.09
CA PRO A 115 -10.20 18.73 2.38
C PRO A 115 -11.03 19.06 1.15
N LYS A 116 -12.25 19.52 1.37
CA LYS A 116 -13.15 19.87 0.29
C LYS A 116 -12.54 20.94 -0.62
N GLU A 117 -11.79 21.89 -0.06
CA GLU A 117 -11.29 22.98 -0.89
C GLU A 117 -10.27 22.46 -1.90
N ALA A 118 -9.66 21.32 -1.57
CA ALA A 118 -8.73 20.67 -2.48
C ALA A 118 -9.40 19.95 -3.63
N VAL A 119 -10.71 19.69 -3.52
CA VAL A 119 -11.43 19.00 -4.59
C VAL A 119 -11.68 19.91 -5.80
N ARG A 120 -11.00 19.62 -6.90
CA ARG A 120 -11.14 20.39 -8.12
C ARG A 120 -12.34 20.01 -8.94
N GLU A 121 -12.73 18.75 -8.84
CA GLU A 121 -13.87 18.22 -9.57
C GLU A 121 -14.33 17.01 -8.79
N ILE A 122 -15.64 16.83 -8.77
CA ILE A 122 -16.23 15.66 -8.17
C ILE A 122 -17.35 15.24 -9.10
N LYS A 123 -17.42 13.97 -9.39
CA LYS A 123 -18.49 13.48 -10.20
C LYS A 123 -18.93 12.37 -9.32
N TRP A 124 -19.92 12.67 -8.51
CA TRP A 124 -20.31 11.70 -7.53
C TRP A 124 -21.72 11.25 -7.78
N GLN A 125 -21.97 9.94 -7.75
CA GLN A 125 -23.30 9.41 -8.05
C GLN A 125 -23.85 8.51 -6.96
N GLY A 126 -23.17 8.48 -5.83
CA GLY A 126 -23.72 7.77 -4.69
C GLY A 126 -22.73 6.99 -3.88
N SER A 127 -21.75 6.43 -4.55
CA SER A 127 -20.85 5.54 -3.83
C SER A 127 -20.18 6.18 -2.60
N LYS A 128 -20.13 5.44 -1.51
CA LYS A 128 -19.32 5.79 -0.35
C LYS A 128 -17.84 5.96 -0.75
N ARG A 129 -17.34 5.00 -1.48
CA ARG A 129 -15.96 5.00 -1.94
C ARG A 129 -15.85 5.69 -3.27
N VAL A 130 -14.93 6.63 -3.36
CA VAL A 130 -14.70 7.32 -4.63
C VAL A 130 -13.27 7.09 -5.03
N VAL A 131 -13.05 7.06 -6.34
CA VAL A 131 -11.70 7.05 -6.85
C VAL A 131 -11.14 8.44 -6.71
N VAL A 132 -9.94 8.53 -6.18
CA VAL A 132 -9.31 9.82 -5.99
C VAL A 132 -8.30 9.96 -7.10
N LEU A 133 -8.45 11.02 -7.88
CA LEU A 133 -7.49 11.33 -8.94
C LEU A 133 -6.63 12.51 -8.54
N ASN A 134 -5.37 12.51 -8.96
CA ASN A 134 -4.61 13.76 -8.86
C ASN A 134 -4.98 14.72 -10.00
N ASP A 135 -4.22 15.80 -10.10
CA ASP A 135 -4.64 16.87 -10.98
C ASP A 135 -4.25 16.53 -12.42
N LEU A 136 -3.59 15.39 -12.57
CA LEU A 136 -3.23 14.87 -13.88
C LEU A 136 -4.17 13.73 -14.30
N GLY A 137 -5.22 13.54 -13.53
CA GLY A 137 -6.22 12.54 -13.87
C GLY A 137 -5.79 11.13 -13.49
N ASP A 138 -4.69 10.99 -12.75
CA ASP A 138 -4.23 9.67 -12.39
C ASP A 138 -4.73 9.21 -11.06
N ILE A 139 -5.01 7.92 -11.00
CA ILE A 139 -5.57 7.35 -9.77
C ILE A 139 -4.51 7.37 -8.71
N ILE A 140 -4.80 8.03 -7.60
CA ILE A 140 -3.87 8.07 -6.47
C ILE A 140 -4.40 7.32 -5.28
N GLY A 141 -5.65 6.91 -5.35
CA GLY A 141 -6.14 6.11 -4.25
C GLY A 141 -7.64 6.07 -4.25
N ILE A 142 -8.18 5.56 -3.16
CA ILE A 142 -9.62 5.47 -3.03
C ILE A 142 -9.92 6.21 -1.76
N GLY A 143 -11.03 6.93 -1.77
CA GLY A 143 -11.37 7.80 -0.67
C GLY A 143 -12.80 7.57 -0.23
N LEU A 144 -13.09 7.92 1.02
CA LEU A 144 -14.44 7.77 1.53
C LEU A 144 -14.97 9.17 1.65
N ILE A 145 -16.05 9.41 0.93
CA ILE A 145 -16.63 10.71 0.93
C ILE A 145 -17.34 10.87 2.27
N ASN A 146 -17.25 12.08 2.76
CA ASN A 146 -17.64 12.42 4.10
C ASN A 146 -18.49 13.62 3.84
N PRO A 147 -19.65 13.43 3.19
CA PRO A 147 -20.37 14.53 2.53
C PRO A 147 -20.51 15.76 3.39
N LYS A 148 -20.59 15.57 4.70
CA LYS A 148 -20.82 16.70 5.60
C LYS A 148 -19.54 17.42 6.03
N SER A 149 -18.44 16.68 6.17
CA SER A 149 -17.15 17.27 6.62
C SER A 149 -16.38 18.12 5.58
N ASP A 150 -15.52 19.03 6.08
CA ASP A 150 -14.78 19.97 5.23
C ASP A 150 -13.28 19.67 5.15
N ARG A 151 -12.60 19.64 6.29
CA ARG A 151 -11.16 19.34 6.39
C ARG A 151 -10.86 17.92 5.91
N ARG A 152 -11.80 17.01 6.17
CA ARG A 152 -11.66 15.59 5.85
C ARG A 152 -12.79 15.08 4.92
N PHE A 153 -13.16 15.94 3.98
CA PHE A 153 -14.22 15.65 3.00
C PHE A 153 -13.95 14.34 2.25
N ILE A 154 -12.71 14.13 1.85
CA ILE A 154 -12.35 12.83 1.27
C ILE A 154 -11.46 12.13 2.25
N LYS A 155 -12.00 11.11 2.91
CA LYS A 155 -11.21 10.36 3.85
C LYS A 155 -10.38 9.38 3.08
N ASN A 156 -9.09 9.37 3.37
CA ASN A 156 -8.16 8.42 2.77
C ASN A 156 -8.35 6.98 3.21
N LEU A 157 -8.64 6.09 2.26
CA LEU A 157 -8.78 4.66 2.49
C LEU A 157 -7.57 3.86 2.00
N LYS A 158 -7.17 4.12 0.75
CA LYS A 158 -6.06 3.45 0.06
C LYS A 158 -5.37 4.48 -0.81
N ASP A 159 -4.05 4.44 -0.91
CA ASP A 159 -3.35 5.39 -1.78
C ASP A 159 -2.09 4.80 -2.40
N LEU B 5 1.46 24.54 7.17
CA LEU B 5 2.06 23.51 8.10
C LEU B 5 3.55 23.72 8.19
N ARG B 6 4.14 23.42 9.33
CA ARG B 6 5.55 23.68 9.51
C ARG B 6 6.32 22.52 8.92
N VAL B 7 7.32 22.88 8.16
CA VAL B 7 8.21 21.93 7.57
C VAL B 7 9.57 22.37 8.00
N ARG B 8 10.32 21.44 8.57
CA ARG B 8 11.67 21.76 9.05
C ARG B 8 12.58 20.57 8.87
N ARG B 9 13.88 20.80 9.01
CA ARG B 9 14.84 19.71 9.16
C ARG B 9 14.49 18.93 10.40
N ALA B 10 14.81 17.64 10.36
CA ALA B 10 14.57 16.71 11.47
C ALA B 10 15.46 17.12 12.65
N SER B 11 14.95 16.96 13.88
CA SER B 11 15.76 17.28 15.03
C SER B 11 16.83 16.22 15.22
N SER B 12 17.83 16.53 16.04
CA SER B 12 18.76 15.50 16.46
C SER B 12 18.04 14.27 17.00
N TRP B 13 17.00 14.48 17.81
CA TRP B 13 16.28 13.41 18.46
C TRP B 13 15.50 12.64 17.41
N GLU B 14 14.89 13.37 16.50
CA GLU B 14 14.14 12.73 15.45
C GLU B 14 15.08 11.90 14.55
N LEU B 15 16.26 12.42 14.23
CA LEU B 15 17.26 11.68 13.47
C LEU B 15 17.69 10.41 14.18
N ASP B 16 17.81 10.48 15.50
CA ASP B 16 18.11 9.29 16.27
C ASP B 16 16.99 8.26 16.21
N LEU B 17 15.73 8.72 16.22
CA LEU B 17 14.61 7.79 16.19
C LEU B 17 14.62 7.11 14.83
N ILE B 18 14.95 7.89 13.80
CA ILE B 18 14.99 7.36 12.43
C ILE B 18 16.16 6.40 12.28
N LEU B 19 17.32 6.84 12.73
CA LEU B 19 18.49 6.00 12.69
C LEU B 19 18.31 4.71 13.48
N LYS B 20 17.66 4.78 14.66
CA LYS B 20 17.39 3.61 15.49
C LYS B 20 16.65 2.57 14.69
N GLU B 21 15.64 3.03 13.98
CA GLU B 21 14.86 2.14 13.18
C GLU B 21 15.68 1.55 12.04
N ALA B 22 16.44 2.38 11.34
CA ALA B 22 17.20 1.87 10.18
C ALA B 22 18.22 0.86 10.65
N GLU B 23 18.81 1.16 11.80
CA GLU B 23 19.90 0.33 12.28
C GLU B 23 19.46 -1.02 12.80
N LYS B 24 18.15 -1.23 12.95
CA LYS B 24 17.68 -2.58 13.13
C LYS B 24 17.98 -3.47 11.93
N TYR B 25 18.14 -2.87 10.77
CA TYR B 25 18.21 -3.61 9.52
C TYR B 25 19.54 -3.48 8.82
N GLY B 26 20.22 -2.38 9.06
CA GLY B 26 21.50 -2.15 8.40
C GLY B 26 21.95 -0.74 8.50
N GLU B 27 22.53 -0.26 7.41
CA GLU B 27 23.19 1.03 7.44
C GLU B 27 22.24 1.95 6.75
N LEU B 28 21.88 3.04 7.42
CA LEU B 28 21.10 4.10 6.78
C LEU B 28 21.97 4.87 5.81
N LEU B 29 21.61 4.82 4.52
CA LEU B 29 22.46 5.36 3.49
C LEU B 29 22.13 6.81 3.26
N HIS B 30 20.95 7.18 3.72
CA HIS B 30 20.49 8.53 3.50
C HIS B 30 20.55 9.34 4.77
N GLU B 31 21.09 10.54 4.65
CA GLU B 31 21.48 11.38 5.76
C GLU B 31 20.45 12.43 6.13
N PHE B 32 19.69 12.92 5.15
CA PHE B 32 18.96 14.18 5.31
C PHE B 32 17.47 13.98 5.39
N PHE B 33 16.84 14.50 6.43
CA PHE B 33 15.43 14.28 6.61
C PHE B 33 14.78 15.57 7.05
N CYS B 34 13.56 15.75 6.61
CA CYS B 34 12.76 16.85 7.06
C CYS B 34 11.56 16.28 7.74
N VAL B 35 10.92 17.13 8.52
CA VAL B 35 9.75 16.75 9.23
C VAL B 35 8.65 17.72 8.89
N VAL B 36 7.49 17.17 8.63
CA VAL B 36 6.28 17.96 8.40
C VAL B 36 5.39 17.75 9.61
N GLU B 37 5.24 18.84 10.36
CA GLU B 37 4.39 18.86 11.56
C GLU B 37 2.95 18.97 11.11
N GLY B 38 2.28 17.84 10.95
CA GLY B 38 0.85 17.79 10.65
C GLY B 38 0.18 17.33 11.92
N LYS B 39 -0.85 16.49 11.79
CA LYS B 39 -1.44 15.78 12.93
C LYS B 39 -0.32 15.06 13.68
N TYR B 40 0.55 14.41 12.88
CA TYR B 40 1.75 13.74 13.39
C TYR B 40 2.94 14.27 12.63
N ARG B 41 4.12 13.93 13.11
CA ARG B 41 5.34 14.38 12.49
C ARG B 41 5.69 13.43 11.36
N ASP B 42 5.57 13.90 10.12
CA ASP B 42 5.87 13.05 8.99
C ASP B 42 7.27 13.28 8.59
N VAL B 43 7.96 12.19 8.24
CA VAL B 43 9.38 12.26 7.96
C VAL B 43 9.59 12.15 6.47
N TYR B 44 10.36 13.07 5.93
CA TYR B 44 10.70 13.05 4.50
C TYR B 44 12.17 12.86 4.34
N ALA B 45 12.54 11.91 3.47
CA ALA B 45 13.90 11.86 3.03
C ALA B 45 14.05 12.93 1.97
N VAL B 46 15.00 13.83 2.17
CA VAL B 46 15.17 14.95 1.26
C VAL B 46 16.58 14.93 0.79
N ASN B 47 16.83 15.58 -0.32
CA ASN B 47 18.21 15.63 -0.73
C ASN B 47 18.92 16.75 0.08
N GLU B 48 20.23 16.80 -0.03
CA GLU B 48 21.03 17.75 0.75
C GLU B 48 20.63 19.17 0.43
N GLU B 49 20.34 19.40 -0.85
CA GLU B 49 20.02 20.75 -1.28
C GLU B 49 18.74 21.22 -0.62
N VAL B 50 17.74 20.33 -0.57
CA VAL B 50 16.46 20.66 0.06
C VAL B 50 16.61 20.85 1.56
N TRP B 51 17.38 19.96 2.16
CA TRP B 51 17.71 20.03 3.58
C TRP B 51 18.33 21.41 3.90
N LYS B 52 19.14 21.92 2.98
CA LYS B 52 19.81 23.23 3.12
C LYS B 52 18.83 24.38 2.95
N ILE B 53 17.92 24.23 1.99
CA ILE B 53 16.93 25.23 1.62
C ILE B 53 15.89 25.42 2.68
N ILE B 54 15.51 24.32 3.30
CA ILE B 54 14.41 24.31 4.22
C ILE B 54 14.70 25.14 5.49
N GLU B 55 15.98 25.48 5.64
CA GLU B 55 16.43 26.44 6.64
C GLU B 55 15.76 27.80 6.43
N ASP B 56 15.87 28.32 5.20
CA ASP B 56 15.51 29.71 4.87
C ASP B 56 14.14 29.82 4.22
N ILE B 57 13.62 28.70 3.72
CA ILE B 57 12.41 28.72 2.93
C ILE B 57 11.57 27.53 3.33
N ASN B 58 10.37 27.82 3.81
CA ASN B 58 9.33 26.80 3.94
C ASN B 58 9.08 26.24 2.53
N MET B 59 8.83 24.94 2.47
CA MET B 59 8.44 24.31 1.22
C MET B 59 7.32 23.43 1.63
N ARG B 60 6.46 23.09 0.67
CA ARG B 60 5.34 22.24 0.94
C ARG B 60 5.82 20.78 0.82
N PRO B 61 5.11 19.87 1.47
CA PRO B 61 5.49 18.44 1.40
C PRO B 61 5.67 17.97 -0.04
N TYR B 62 4.84 18.41 -0.98
CA TYR B 62 5.01 17.96 -2.37
C TYR B 62 6.32 18.42 -3.07
N SER B 63 7.08 19.28 -2.41
CA SER B 63 8.39 19.73 -2.94
C SER B 63 9.56 19.11 -2.18
N LEU B 64 9.28 18.34 -1.13
CA LEU B 64 10.34 17.99 -0.20
C LEU B 64 11.22 16.83 -0.64
N GLY B 65 10.58 15.79 -1.14
CA GLY B 65 11.30 14.56 -1.30
C GLY B 65 10.35 13.43 -0.98
N THR B 66 10.88 12.42 -0.31
CA THR B 66 10.15 11.18 -0.22
C THR B 66 9.64 10.98 1.18
N PHE B 67 8.32 10.83 1.27
CA PHE B 67 7.73 10.51 2.54
C PHE B 67 8.13 9.11 2.97
N VAL B 68 8.70 8.99 4.16
CA VAL B 68 9.23 7.72 4.61
C VAL B 68 8.67 7.23 5.91
N GLY B 69 7.73 7.97 6.46
CA GLY B 69 7.09 7.47 7.65
C GLY B 69 6.78 8.60 8.61
N THR B 70 6.43 8.23 9.84
CA THR B 70 5.86 9.18 10.76
C THR B 70 6.41 8.90 12.14
N ILE B 71 6.65 9.96 12.89
CA ILE B 71 7.03 9.82 14.28
C ILE B 71 5.76 10.01 15.15
N ARG B 72 5.51 9.04 16.03
CA ARG B 72 4.39 9.13 16.95
C ARG B 72 4.81 8.54 18.27
N VAL B 73 4.04 8.85 19.29
CA VAL B 73 4.26 8.24 20.59
C VAL B 73 3.42 6.97 20.63
N ASP B 74 4.06 5.84 20.95
CA ASP B 74 3.39 4.55 21.05
C ASP B 74 2.59 4.42 22.36
N GLU B 75 2.10 3.19 22.61
CA GLU B 75 1.36 2.84 23.84
C GLU B 75 2.17 2.98 25.11
N ASN B 76 3.47 2.79 25.01
CA ASN B 76 4.36 2.85 26.13
C ASN B 76 4.85 4.25 26.41
N LEU B 77 4.25 5.23 25.72
CA LEU B 77 4.67 6.64 25.81
C LEU B 77 6.12 6.79 25.37
N VAL B 78 6.46 5.99 24.35
CA VAL B 78 7.81 6.01 23.79
C VAL B 78 7.65 6.50 22.35
N GLU B 79 8.47 7.49 22.01
CA GLU B 79 8.44 8.10 20.71
C GLU B 79 9.08 7.07 19.81
N LYS B 80 8.45 6.82 18.67
CA LYS B 80 9.04 5.88 17.71
C LYS B 80 8.89 6.47 16.32
N PHE B 81 9.82 6.09 15.46
CA PHE B 81 9.66 6.39 14.06
C PHE B 81 8.99 5.17 13.45
N TYR B 82 7.91 5.40 12.72
CA TYR B 82 7.19 4.33 12.03
C TYR B 82 7.50 4.47 10.54
N PRO B 83 8.39 3.65 10.00
CA PRO B 83 8.72 3.77 8.59
C PRO B 83 7.61 3.21 7.69
N ASN B 84 7.51 3.77 6.49
CA ASN B 84 6.76 3.08 5.47
C ASN B 84 7.76 2.25 4.69
N LEU B 85 7.30 1.49 3.70
CA LEU B 85 8.18 0.61 2.95
C LEU B 85 9.28 1.38 2.24
N GLU B 86 8.97 2.60 1.84
CA GLU B 86 9.92 3.40 1.10
C GLU B 86 11.14 3.72 1.94
N PHE B 87 10.95 3.82 3.25
CA PHE B 87 12.07 4.08 4.10
C PHE B 87 13.12 3.02 3.88
N PHE B 88 12.69 1.78 3.68
CA PHE B 88 13.66 0.69 3.60
C PHE B 88 14.54 0.75 2.39
N SER B 89 14.12 1.49 1.37
CA SER B 89 14.98 1.68 0.23
C SER B 89 16.22 2.52 0.60
N LEU B 90 16.23 3.17 1.79
CA LEU B 90 17.36 4.01 2.22
C LEU B 90 18.40 3.25 3.01
N ILE B 91 18.21 1.95 3.14
CA ILE B 91 18.99 1.18 4.08
C ILE B 91 19.81 0.18 3.27
N LYS B 92 21.09 0.09 3.57
CA LYS B 92 21.88 -1.02 3.07
C LYS B 92 21.53 -2.19 3.99
N LEU B 93 20.79 -3.15 3.48
CA LEU B 93 20.21 -4.13 4.36
C LEU B 93 21.23 -5.18 4.79
N GLU B 94 21.27 -5.50 6.08
CA GLU B 94 22.32 -6.37 6.61
C GLU B 94 21.75 -7.45 7.48
N LYS B 95 20.58 -7.18 8.07
CA LYS B 95 20.01 -8.03 9.07
C LYS B 95 18.53 -7.80 9.29
N ASN B 96 17.91 -8.71 10.06
CA ASN B 96 16.47 -8.72 10.32
C ASN B 96 15.71 -8.72 9.03
N TYR B 97 16.00 -9.72 8.22
CA TYR B 97 15.31 -9.90 6.96
C TYR B 97 15.16 -11.37 6.70
N VAL B 98 14.19 -11.70 5.85
CA VAL B 98 14.01 -13.06 5.39
C VAL B 98 13.92 -13.00 3.91
N ILE B 99 14.25 -14.11 3.27
CA ILE B 99 14.18 -14.17 1.81
C ILE B 99 13.20 -15.27 1.54
N LEU B 100 12.24 -14.99 0.67
CA LEU B 100 11.20 -15.96 0.39
C LEU B 100 11.42 -16.46 -0.99
N GLY B 101 10.95 -17.69 -1.24
CA GLY B 101 10.86 -18.24 -2.56
C GLY B 101 9.92 -17.43 -3.43
N PRO B 102 9.98 -17.63 -4.74
CA PRO B 102 9.22 -16.77 -5.62
C PRO B 102 7.71 -16.92 -5.45
N LYS B 103 7.24 -18.14 -5.20
CA LYS B 103 5.80 -18.35 -5.09
C LYS B 103 5.28 -17.63 -3.87
N ALA B 104 5.92 -17.89 -2.74
CA ALA B 104 5.59 -17.23 -1.47
C ALA B 104 5.82 -15.73 -1.57
N SER B 105 6.84 -15.32 -2.33
CA SER B 105 7.12 -13.88 -2.47
C SER B 105 5.92 -13.28 -3.16
N PHE B 106 5.54 -13.86 -4.27
CA PHE B 106 4.37 -13.32 -4.96
C PHE B 106 3.16 -13.21 -4.04
N LEU B 107 2.85 -14.33 -3.37
CA LEU B 107 1.70 -14.32 -2.51
C LEU B 107 1.81 -13.26 -1.43
N PHE B 108 3.01 -13.05 -0.91
CA PHE B 108 3.25 -12.02 0.08
C PHE B 108 2.83 -10.66 -0.46
N THR B 109 3.13 -10.41 -1.73
CA THR B 109 2.80 -9.12 -2.30
C THR B 109 1.29 -8.96 -2.42
N THR B 110 0.55 -10.05 -2.34
CA THR B 110 -0.93 -9.96 -2.33
C THR B 110 -1.53 -9.87 -0.90
N GLY B 111 -0.67 -9.72 0.10
CA GLY B 111 -1.03 -9.55 1.51
C GLY B 111 -1.01 -10.84 2.32
N LYS B 112 -0.47 -11.91 1.75
CA LYS B 112 -0.50 -13.23 2.36
C LYS B 112 0.66 -13.32 3.31
N ASP B 113 0.49 -14.04 4.39
CA ASP B 113 1.64 -14.38 5.22
C ASP B 113 2.53 -15.35 4.47
N ALA B 114 3.75 -15.56 4.98
CA ALA B 114 4.62 -16.52 4.38
C ALA B 114 4.79 -17.63 5.40
N PRO B 115 4.73 -18.87 4.96
CA PRO B 115 5.03 -20.00 5.87
C PRO B 115 6.53 -20.21 6.04
N LYS B 116 6.93 -20.85 7.14
CA LYS B 116 8.34 -21.14 7.36
C LYS B 116 9.05 -21.84 6.19
N GLU B 117 8.37 -22.77 5.52
CA GLU B 117 9.03 -23.56 4.48
C GLU B 117 9.39 -22.71 3.28
N ALA B 118 8.68 -21.58 3.16
CA ALA B 118 8.94 -20.60 2.11
C ALA B 118 10.17 -19.75 2.41
N VAL B 119 10.59 -19.70 3.68
CA VAL B 119 11.78 -18.91 4.00
C VAL B 119 13.07 -19.57 3.50
N ARG B 120 13.68 -18.96 2.50
CA ARG B 120 14.94 -19.44 1.99
C ARG B 120 16.13 -19.08 2.86
N GLU B 121 16.08 -17.90 3.45
CA GLU B 121 17.18 -17.40 4.27
C GLU B 121 16.54 -16.45 5.27
N ILE B 122 17.08 -16.47 6.48
CA ILE B 122 16.64 -15.56 7.51
C ILE B 122 17.88 -15.13 8.23
N LYS B 123 18.01 -13.85 8.44
CA LYS B 123 19.13 -13.34 9.18
C LYS B 123 18.38 -12.53 10.18
N TRP B 124 18.11 -13.15 11.30
CA TRP B 124 17.29 -12.47 12.28
C TRP B 124 18.10 -12.20 13.52
N GLN B 125 17.97 -10.98 14.06
CA GLN B 125 18.78 -10.55 15.22
C GLN B 125 17.93 -10.00 16.36
N GLY B 126 16.62 -10.16 16.27
CA GLY B 126 15.78 -9.78 17.39
C GLY B 126 14.51 -9.05 17.02
N SER B 127 14.56 -8.33 15.93
CA SER B 127 13.42 -7.48 15.63
C SER B 127 12.13 -8.25 15.34
N LYS B 128 11.03 -7.82 15.95
CA LYS B 128 9.68 -8.29 15.63
C LYS B 128 9.42 -8.18 14.12
N ARG B 129 9.73 -7.01 13.60
CA ARG B 129 9.52 -6.67 12.20
C ARG B 129 10.74 -7.01 11.39
N VAL B 130 10.54 -7.77 10.34
CA VAL B 130 11.65 -8.15 9.47
C VAL B 130 11.34 -7.61 8.09
N VAL B 131 12.40 -7.22 7.38
CA VAL B 131 12.26 -6.89 5.98
C VAL B 131 12.09 -8.19 5.23
N VAL B 132 11.11 -8.22 4.34
CA VAL B 132 10.84 -9.44 3.60
C VAL B 132 11.37 -9.19 2.23
N LEU B 133 12.26 -10.07 1.81
CA LEU B 133 12.80 -10.00 0.45
C LEU B 133 12.22 -11.12 -0.41
N ASN B 134 12.04 -10.84 -1.70
CA ASN B 134 11.81 -11.95 -2.61
C ASN B 134 13.12 -12.66 -2.98
N ASP B 135 13.02 -13.58 -3.92
CA ASP B 135 14.10 -14.48 -4.21
C ASP B 135 15.18 -13.77 -5.06
N LEU B 136 14.86 -12.55 -5.45
CA LEU B 136 15.80 -11.71 -6.18
C LEU B 136 16.43 -10.68 -5.26
N GLY B 137 16.12 -10.80 -3.98
CA GLY B 137 16.70 -9.93 -2.98
C GLY B 137 16.05 -8.57 -2.91
N ASP B 138 14.89 -8.41 -3.53
CA ASP B 138 14.21 -7.15 -3.50
C ASP B 138 13.18 -7.08 -2.41
N ILE B 139 13.07 -5.90 -1.83
CA ILE B 139 12.17 -5.73 -0.70
C ILE B 139 10.76 -5.83 -1.21
N ILE B 140 10.01 -6.77 -0.68
CA ILE B 140 8.61 -6.89 -1.04
C ILE B 140 7.68 -6.49 0.07
N GLY B 141 8.23 -6.22 1.24
CA GLY B 141 7.36 -5.82 2.34
C GLY B 141 8.01 -5.99 3.66
N ILE B 142 7.22 -5.79 4.70
CA ILE B 142 7.72 -5.99 6.05
C ILE B 142 6.80 -7.01 6.67
N GLY B 143 7.39 -7.87 7.46
CA GLY B 143 6.65 -8.96 8.06
C GLY B 143 6.92 -9.02 9.54
N LEU B 144 6.01 -9.70 10.24
CA LEU B 144 6.15 -9.89 11.68
C LEU B 144 6.48 -11.33 11.87
N ILE B 145 7.64 -11.58 12.46
CA ILE B 145 8.09 -12.91 12.65
C ILE B 145 7.22 -13.48 13.78
N ASN B 146 6.76 -14.71 13.59
CA ASN B 146 5.98 -15.34 14.64
C ASN B 146 6.76 -16.58 14.94
N PRO B 147 7.83 -16.42 15.70
CA PRO B 147 8.88 -17.44 15.82
C PRO B 147 8.33 -18.82 16.01
N LYS B 148 7.24 -18.94 16.74
CA LYS B 148 6.74 -20.26 17.09
C LYS B 148 5.86 -20.90 16.00
N SER B 149 5.16 -20.07 15.20
CA SER B 149 4.24 -20.59 14.15
C SER B 149 4.90 -21.05 12.82
N ASP B 150 4.20 -21.93 12.07
CA ASP B 150 4.74 -22.48 10.82
C ASP B 150 4.06 -21.94 9.56
N ARG B 151 2.73 -22.02 9.50
CA ARG B 151 1.95 -21.55 8.37
C ARG B 151 2.08 -20.04 8.17
N ARG B 152 2.16 -19.33 9.29
CA ARG B 152 2.17 -17.88 9.33
C ARG B 152 3.41 -17.33 10.08
N PHE B 153 4.53 -17.99 9.82
CA PHE B 153 5.82 -17.65 10.41
C PHE B 153 6.20 -16.20 10.12
N ILE B 154 5.95 -15.75 8.90
CA ILE B 154 6.14 -14.33 8.60
C ILE B 154 4.77 -13.77 8.39
N LYS B 155 4.28 -13.02 9.36
CA LYS B 155 3.00 -12.38 9.23
C LYS B 155 3.20 -11.16 8.37
N ASN B 156 2.35 -11.04 7.36
CA ASN B 156 2.36 -9.89 6.47
C ASN B 156 1.86 -8.62 7.16
N LEU B 157 2.68 -7.57 7.16
CA LEU B 157 2.32 -6.25 7.69
C LEU B 157 2.14 -5.20 6.60
N LYS B 158 3.09 -5.17 5.66
CA LYS B 158 3.18 -4.19 4.58
C LYS B 158 3.78 -4.93 3.41
N ASP B 159 3.31 -4.66 2.19
CA ASP B 159 3.92 -5.26 1.00
C ASP B 159 3.81 -4.35 -0.23
#